data_4IG8
#
_entry.id   4IG8
#
_cell.length_a   71.200
_cell.length_b   93.200
_cell.length_c   98.600
_cell.angle_alpha   90.00
_cell.angle_beta   90.00
_cell.angle_gamma   90.00
#
_symmetry.space_group_name_H-M   'P 21 21 21'
#
loop_
_entity.id
_entity.type
_entity.pdbx_description
1 polymer "2'-5'-oligoadenylate synthase 1"
2 polymer "RNA (5'-R(*GP*GP*CP*UP*UP*UP*UP*GP*AP*CP*CP*UP*UP*UP*AP*UP*GP*C)-3')"
3 polymer "RNA (5'-R(*GP*CP*AP*UP*AP*AP*AP*GP*GP*UP*CP*AP*AP*AP*AP*GP*CP*C)-3')"
4 non-polymer 'MAGNESIUM ION'
5 non-polymer "2'-DEOXYADENOSINE 5'-TRIPHOSPHATE"
6 water water
#
loop_
_entity_poly.entity_id
_entity_poly.type
_entity_poly.pdbx_seq_one_letter_code
_entity_poly.pdbx_strand_id
1 'polypeptide(L)'
;MMDLRNTPAKSLDKFIEDYLLPDTCFRMQINHAIDIICGFLKERCFRGSSYPVCVSKVVKGGSSGKGTTLRGRSDADLVV
FLSPLTTFQDQLNRRGEFIQEIRRQLEACQRERAFSVKFEVQAPRWGNPRALSFVLSSLQLGEGVEFDVLPAFDALGQLT
GGYKPNPQIYVKLIEECTDLQKEGEFSTCFTELQRDFLKQRPTKLKSLIRLVKHWYQNCKKKLGKLPPQYALELLTVYAW
ERGSMKTHFNTAQGFRTVLELVINYQQLCIYWTKYYDFKNPIIEKYLRRQLTKPRPVILDPADPTGNLGGGDPKGWRQLA
QEAEAWLNYPCFKNWDGSPVSSWILLAGP
;
A
2 'polyribonucleotide' GGCUUUUGACCUUUAUGC B
3 'polyribonucleotide' GCAUAAAGGUCAAAAGCC C
#
# COMPACT_ATOMS: atom_id res chain seq x y z
N ASP A 3 17.51 17.16 -6.30
CA ASP A 3 16.29 17.90 -5.97
C ASP A 3 15.22 17.67 -7.01
N LEU A 4 14.10 17.07 -6.63
CA LEU A 4 12.97 16.87 -7.55
C LEU A 4 12.41 18.18 -8.06
N ARG A 5 12.33 19.16 -7.17
CA ARG A 5 11.78 20.46 -7.51
C ARG A 5 12.53 21.15 -8.66
N ASN A 6 13.85 21.05 -8.65
CA ASN A 6 14.66 21.74 -9.66
C ASN A 6 15.10 20.86 -10.83
N THR A 7 14.68 19.61 -10.82
CA THR A 7 15.00 18.69 -11.91
C THR A 7 14.16 19.04 -13.14
N PRO A 8 14.82 19.20 -14.29
CA PRO A 8 14.08 19.46 -15.55
C PRO A 8 13.14 18.31 -15.88
N ALA A 9 12.02 18.63 -16.53
CA ALA A 9 10.99 17.64 -16.84
C ALA A 9 11.55 16.51 -17.71
N LYS A 10 12.50 16.84 -18.57
CA LYS A 10 13.14 15.85 -19.43
C LYS A 10 13.91 14.80 -18.63
N SER A 11 14.49 15.22 -17.50
CA SER A 11 15.35 14.36 -16.71
C SER A 11 14.65 13.66 -15.54
N LEU A 12 13.34 13.59 -15.58
CA LEU A 12 12.59 12.94 -14.50
C LEU A 12 12.85 11.45 -14.44
N ASP A 13 12.99 10.82 -15.60
CA ASP A 13 13.29 9.40 -15.67
C ASP A 13 14.69 9.10 -15.16
N LYS A 14 15.59 10.05 -15.30
CA LYS A 14 16.94 9.92 -14.76
C LYS A 14 16.90 10.04 -13.24
N PHE A 15 16.00 10.90 -12.75
CA PHE A 15 15.82 11.07 -11.32
C PHE A 15 15.35 9.76 -10.68
N ILE A 16 14.42 9.08 -11.35
CA ILE A 16 13.91 7.81 -10.86
C ILE A 16 14.97 6.72 -10.92
N GLU A 17 15.80 6.77 -11.96
CA GLU A 17 16.79 5.71 -12.21
C GLU A 17 17.85 5.59 -11.12
N ASP A 18 18.37 6.73 -10.66
CA ASP A 18 19.49 6.68 -9.75
C ASP A 18 19.19 7.14 -8.32
N TYR A 19 17.95 7.55 -8.06
CA TYR A 19 17.55 7.95 -6.73
C TYR A 19 16.41 7.08 -6.19
N LEU A 20 15.60 6.54 -7.09
CA LEU A 20 14.37 5.85 -6.69
C LEU A 20 14.33 4.36 -6.98
N LEU A 21 14.73 3.95 -8.18
CA LEU A 21 14.77 2.54 -8.53
C LEU A 21 15.66 1.77 -7.55
N PRO A 22 15.25 0.55 -7.19
CA PRO A 22 16.04 -0.29 -6.27
C PRO A 22 17.45 -0.62 -6.80
N ASP A 23 18.44 -0.50 -5.92
CA ASP A 23 19.80 -0.96 -6.17
C ASP A 23 19.85 -2.45 -5.88
N THR A 24 20.77 -3.16 -6.53
CA THR A 24 20.94 -4.62 -6.29
C THR A 24 21.27 -4.89 -4.86
N CYS A 25 22.07 -4.00 -4.27
CA CYS A 25 22.37 -4.07 -2.84
C CYS A 25 21.08 -4.00 -2.05
N PHE A 26 20.17 -3.12 -2.45
CA PHE A 26 18.91 -2.94 -1.72
C PHE A 26 17.97 -4.13 -1.82
N ARG A 27 17.78 -4.64 -3.03
CA ARG A 27 16.87 -5.77 -3.21
C ARG A 27 17.45 -7.04 -2.62
N MET A 28 18.78 -7.09 -2.50
CA MET A 28 19.43 -8.19 -1.78
C MET A 28 19.25 -8.01 -0.26
N GLN A 29 19.38 -6.77 0.20
CA GLN A 29 19.17 -6.46 1.62
C GLN A 29 17.76 -6.82 2.07
N ILE A 30 16.80 -6.61 1.18
CA ILE A 30 15.40 -6.81 1.53
C ILE A 30 14.97 -8.28 1.45
N ASN A 31 15.37 -8.96 0.38
CA ASN A 31 15.05 -10.37 0.22
C ASN A 31 15.60 -11.21 1.36
N HIS A 32 16.73 -10.77 1.90
CA HIS A 32 17.35 -11.44 3.02
C HIS A 32 16.57 -11.16 4.31
N ALA A 33 16.24 -9.90 4.55
CA ALA A 33 15.56 -9.49 5.78
C ALA A 33 14.22 -10.19 5.90
N ILE A 34 13.55 -10.35 4.76
CA ILE A 34 12.28 -11.06 4.69
C ILE A 34 12.49 -12.56 4.97
N ASP A 35 13.54 -13.13 4.40
CA ASP A 35 13.87 -14.54 4.58
C ASP A 35 14.11 -14.88 6.06
N ILE A 36 14.71 -13.94 6.78
CA ILE A 36 14.94 -14.09 8.21
C ILE A 36 13.62 -14.21 8.96
N ILE A 37 12.73 -13.24 8.73
CA ILE A 37 11.47 -13.17 9.47
C ILE A 37 10.44 -14.22 9.04
N CYS A 38 10.39 -14.50 7.74
CA CYS A 38 9.52 -15.56 7.24
C CYS A 38 9.93 -16.90 7.84
N GLY A 39 11.24 -17.11 7.94
CA GLY A 39 11.77 -18.31 8.56
C GLY A 39 11.44 -18.32 10.03
N PHE A 40 11.62 -17.18 10.68
CA PHE A 40 11.33 -17.05 12.11
C PHE A 40 9.88 -17.36 12.44
N LEU A 41 8.96 -16.77 11.68
CA LEU A 41 7.53 -16.94 11.90
C LEU A 41 7.10 -18.40 11.74
N LYS A 42 7.65 -19.06 10.72
CA LYS A 42 7.29 -20.43 10.40
C LYS A 42 7.98 -21.48 11.27
N GLU A 43 9.24 -21.25 11.59
CA GLU A 43 10.07 -22.31 12.18
C GLU A 43 10.25 -22.25 13.70
N ARG A 44 10.01 -21.10 14.33
CA ARG A 44 10.24 -21.01 15.76
C ARG A 44 9.18 -20.25 16.54
N CYS A 45 8.56 -19.25 15.91
CA CYS A 45 7.66 -18.34 16.60
C CYS A 45 6.52 -19.05 17.33
N PHE A 46 5.91 -20.03 16.66
CA PHE A 46 4.76 -20.72 17.24
C PHE A 46 4.93 -22.23 17.35
N ARG A 47 6.12 -22.66 17.74
CA ARG A 47 6.32 -24.06 18.14
C ARG A 47 6.69 -24.11 19.62
N GLY A 48 5.78 -24.70 20.39
CA GLY A 48 5.75 -24.55 21.83
C GLY A 48 4.31 -24.20 22.12
N SER A 49 3.43 -25.05 21.62
CA SER A 49 2.00 -24.74 21.53
C SER A 49 1.21 -25.08 22.79
N SER A 50 0.75 -24.04 23.48
CA SER A 50 -0.26 -24.20 24.51
C SER A 50 -1.59 -24.37 23.76
N TYR A 51 -1.56 -24.00 22.49
CA TYR A 51 -2.66 -24.23 21.56
C TYR A 51 -2.13 -24.09 20.13
N PRO A 52 -2.48 -25.05 19.25
CA PRO A 52 -1.91 -25.15 17.90
C PRO A 52 -2.11 -23.90 17.05
N VAL A 53 -1.06 -23.09 16.94
CA VAL A 53 -1.07 -21.92 16.07
C VAL A 53 -0.36 -22.23 14.77
N CYS A 54 -1.11 -22.32 13.67
CA CYS A 54 -0.53 -22.65 12.37
C CYS A 54 -0.44 -21.44 11.45
N VAL A 55 0.73 -21.25 10.85
CA VAL A 55 0.94 -20.19 9.86
C VAL A 55 0.70 -20.74 8.46
N SER A 56 -0.46 -20.43 7.88
CA SER A 56 -0.81 -20.94 6.56
C SER A 56 -0.08 -20.18 5.46
N LYS A 57 0.20 -18.90 5.71
CA LYS A 57 0.84 -18.03 4.74
C LYS A 57 1.57 -16.90 5.43
N VAL A 58 2.58 -16.35 4.76
CA VAL A 58 3.11 -15.06 5.19
C VAL A 58 3.12 -14.13 3.97
N VAL A 59 2.12 -13.27 3.83
CA VAL A 59 2.03 -12.51 2.57
C VAL A 59 2.92 -11.26 2.51
N LYS A 60 3.81 -11.21 1.52
CA LYS A 60 4.61 -10.03 1.22
C LYS A 60 3.74 -8.97 0.56
N GLY A 61 3.53 -7.86 1.26
CA GLY A 61 2.64 -6.83 0.78
C GLY A 61 3.30 -5.47 0.86
N GLY A 62 2.51 -4.43 0.60
CA GLY A 62 3.04 -3.09 0.57
C GLY A 62 3.95 -2.91 -0.62
N SER A 63 4.89 -1.98 -0.49
CA SER A 63 5.83 -1.67 -1.57
C SER A 63 6.54 -2.90 -2.10
N SER A 64 7.04 -3.72 -1.18
CA SER A 64 7.82 -4.91 -1.54
C SER A 64 7.04 -5.87 -2.43
N GLY A 65 5.77 -6.07 -2.09
CA GLY A 65 4.93 -6.99 -2.84
C GLY A 65 4.61 -6.49 -4.22
N LYS A 66 4.39 -5.17 -4.35
CA LYS A 66 3.95 -4.57 -5.61
C LYS A 66 5.11 -4.28 -6.56
N GLY A 67 6.30 -4.06 -6.01
CA GLY A 67 7.43 -3.63 -6.79
C GLY A 67 7.44 -2.12 -6.98
N THR A 68 6.97 -1.41 -5.96
CA THR A 68 6.92 0.05 -5.98
C THR A 68 7.78 0.63 -4.86
N THR A 69 8.89 -0.05 -4.56
CA THR A 69 9.78 0.37 -3.49
C THR A 69 10.66 1.56 -3.85
N LEU A 70 10.80 2.50 -2.91
CA LEU A 70 11.81 3.54 -3.01
C LEU A 70 13.07 3.01 -2.37
N ARG A 71 14.21 3.21 -3.03
CA ARG A 71 15.48 2.69 -2.54
C ARG A 71 15.83 3.25 -1.16
N GLY A 72 16.13 2.36 -0.23
CA GLY A 72 16.57 2.74 1.11
C GLY A 72 15.54 3.47 1.95
N ARG A 73 14.28 3.43 1.53
CA ARG A 73 13.23 4.17 2.22
C ARG A 73 11.94 3.37 2.38
N SER A 74 11.92 2.17 1.82
CA SER A 74 10.71 1.34 1.86
C SER A 74 10.69 0.32 3.00
N ASP A 75 9.52 0.12 3.58
CA ASP A 75 9.29 -0.90 4.59
C ASP A 75 9.42 -2.29 3.99
N ALA A 76 9.30 -3.30 4.86
CA ALA A 76 8.99 -4.65 4.43
C ALA A 76 7.71 -5.04 5.14
N ASP A 77 6.62 -5.13 4.38
CA ASP A 77 5.31 -5.37 4.99
C ASP A 77 4.88 -6.83 4.84
N LEU A 78 4.86 -7.55 5.96
CA LEU A 78 4.56 -8.97 5.98
C LEU A 78 3.24 -9.25 6.69
N VAL A 79 2.31 -9.87 5.98
CA VAL A 79 1.04 -10.29 6.57
C VAL A 79 1.09 -11.75 6.99
N VAL A 80 0.88 -12.00 8.27
CA VAL A 80 0.89 -13.37 8.79
C VAL A 80 -0.54 -13.90 8.91
N PHE A 81 -0.86 -14.90 8.11
CA PHE A 81 -2.18 -15.52 8.19
C PHE A 81 -2.19 -16.69 9.17
N LEU A 82 -2.95 -16.53 10.24
CA LEU A 82 -2.98 -17.51 11.31
C LEU A 82 -4.30 -18.30 11.33
N SER A 83 -4.19 -19.59 11.56
CA SER A 83 -5.36 -20.47 11.65
C SER A 83 -6.32 -20.21 12.82
N PRO A 84 -5.79 -19.82 14.01
CA PRO A 84 -6.75 -19.50 15.08
C PRO A 84 -7.66 -18.32 14.73
N LEU A 85 -7.18 -17.40 13.91
CA LEU A 85 -8.01 -16.30 13.43
C LEU A 85 -8.99 -16.84 12.39
N THR A 86 -10.27 -16.90 12.76
CA THR A 86 -11.27 -17.59 11.95
C THR A 86 -12.35 -16.66 11.42
N THR A 87 -12.57 -15.54 12.11
CA THR A 87 -13.52 -14.53 11.65
C THR A 87 -12.83 -13.18 11.61
N PHE A 88 -13.47 -12.19 10.98
CA PHE A 88 -12.93 -10.84 10.96
C PHE A 88 -12.89 -10.27 12.37
N GLN A 89 -13.91 -10.59 13.16
CA GLN A 89 -13.96 -10.11 14.54
C GLN A 89 -12.89 -10.81 15.39
N ASP A 90 -12.56 -12.03 15.02
CA ASP A 90 -11.46 -12.75 15.66
C ASP A 90 -10.17 -11.98 15.43
N GLN A 91 -9.99 -11.53 14.20
CA GLN A 91 -8.82 -10.74 13.83
C GLN A 91 -8.80 -9.42 14.61
N LEU A 92 -9.97 -8.82 14.78
CA LEU A 92 -10.07 -7.58 15.53
C LEU A 92 -9.79 -7.82 17.01
N ASN A 93 -10.41 -8.87 17.55
CA ASN A 93 -10.30 -9.16 18.98
C ASN A 93 -8.96 -9.76 19.42
N ARG A 94 -8.29 -10.48 18.52
CA ARG A 94 -7.15 -11.29 18.92
C ARG A 94 -5.80 -10.94 18.27
N ARG A 95 -5.78 -9.96 17.38
CA ARG A 95 -4.52 -9.57 16.74
C ARG A 95 -3.49 -9.12 17.78
N GLY A 96 -3.96 -8.46 18.82
CA GLY A 96 -3.10 -7.93 19.87
C GLY A 96 -2.35 -9.01 20.63
N GLU A 97 -3.03 -10.12 20.92
CA GLU A 97 -2.38 -11.26 21.58
C GLU A 97 -1.18 -11.70 20.75
N PHE A 98 -1.40 -11.79 19.44
CA PHE A 98 -0.38 -12.27 18.54
C PHE A 98 0.72 -11.23 18.29
N ILE A 99 0.38 -9.96 18.40
CA ILE A 99 1.38 -8.90 18.32
C ILE A 99 2.36 -9.07 19.48
N GLN A 100 1.81 -9.28 20.66
CA GLN A 100 2.60 -9.39 21.89
C GLN A 100 3.44 -10.66 21.92
N GLU A 101 2.91 -11.73 21.35
CA GLU A 101 3.62 -13.01 21.33
C GLU A 101 4.80 -12.98 20.36
N ILE A 102 4.60 -12.40 19.19
CA ILE A 102 5.66 -12.31 18.19
C ILE A 102 6.84 -11.47 18.71
N ARG A 103 6.52 -10.36 19.36
CA ARG A 103 7.55 -9.53 19.98
C ARG A 103 8.32 -10.34 21.01
N ARG A 104 7.58 -11.06 21.85
CA ARG A 104 8.16 -11.89 22.90
C ARG A 104 9.15 -12.91 22.32
N GLN A 105 8.77 -13.51 21.20
CA GLN A 105 9.61 -14.49 20.54
C GLN A 105 10.83 -13.84 19.88
N LEU A 106 10.62 -12.69 19.25
CA LEU A 106 11.70 -11.94 18.61
C LEU A 106 12.75 -11.52 19.64
N GLU A 107 12.29 -11.06 20.80
CA GLU A 107 13.19 -10.62 21.85
C GLU A 107 13.97 -11.79 22.45
N ALA A 108 13.36 -12.98 22.43
CA ALA A 108 14.03 -14.18 22.88
C ALA A 108 15.10 -14.56 21.87
N CYS A 109 14.79 -14.36 20.59
CA CYS A 109 15.75 -14.57 19.52
C CYS A 109 16.81 -13.48 19.49
N GLN A 110 16.55 -12.38 20.20
CA GLN A 110 17.53 -11.33 20.36
C GLN A 110 18.44 -11.62 21.56
N ARG A 111 17.91 -12.39 22.51
CA ARG A 111 18.72 -12.81 23.65
C ARG A 111 19.78 -13.81 23.19
N GLU A 112 19.36 -14.77 22.37
CA GLU A 112 20.31 -15.51 21.55
C GLU A 112 20.79 -14.50 20.54
N ARG A 113 22.00 -14.67 20.03
CA ARG A 113 22.51 -13.66 19.10
C ARG A 113 22.19 -14.00 17.64
N ALA A 114 20.94 -14.36 17.39
CA ALA A 114 20.46 -14.69 16.04
C ALA A 114 20.20 -13.44 15.21
N PHE A 115 19.71 -12.38 15.86
CA PHE A 115 19.59 -11.06 15.25
C PHE A 115 19.29 -10.00 16.31
N SER A 116 19.23 -8.75 15.88
CA SER A 116 18.85 -7.67 16.77
C SER A 116 17.54 -7.05 16.28
N VAL A 117 16.79 -6.45 17.19
CA VAL A 117 15.49 -5.90 16.85
C VAL A 117 15.14 -4.69 17.70
N LYS A 118 14.65 -3.63 17.07
CA LYS A 118 14.39 -2.38 17.77
C LYS A 118 12.93 -1.93 17.67
N PHE A 119 12.26 -1.91 18.82
CA PHE A 119 10.88 -1.43 18.90
C PHE A 119 10.88 0.00 19.42
N GLU A 120 9.92 0.82 18.99
CA GLU A 120 8.86 0.40 18.08
C GLU A 120 9.03 1.03 16.71
N GLY A 127 -5.87 -6.28 19.39
CA GLY A 127 -7.05 -5.45 19.39
C GLY A 127 -6.77 -3.98 19.18
N ASN A 128 -5.90 -3.42 20.02
CA ASN A 128 -5.60 -2.00 19.97
C ASN A 128 -4.73 -1.57 18.77
N PRO A 129 -3.50 -2.11 18.63
CA PRO A 129 -2.73 -1.71 17.46
C PRO A 129 -3.04 -2.63 16.28
N ARG A 130 -2.66 -2.24 15.07
CA ARG A 130 -2.90 -3.10 13.92
C ARG A 130 -1.66 -3.93 13.56
N ALA A 131 -0.48 -3.44 13.93
CA ALA A 131 0.74 -4.11 13.51
C ALA A 131 1.88 -4.01 14.53
N LEU A 132 2.80 -4.96 14.45
CA LEU A 132 4.03 -4.93 15.20
C LEU A 132 5.08 -4.28 14.32
N SER A 133 5.75 -3.25 14.84
CA SER A 133 6.74 -2.53 14.05
C SER A 133 8.13 -2.56 14.70
N PHE A 134 9.15 -2.79 13.88
CA PHE A 134 10.51 -2.92 14.37
C PHE A 134 11.55 -2.84 13.25
N VAL A 135 12.77 -2.43 13.62
CA VAL A 135 13.90 -2.46 12.71
C VAL A 135 14.72 -3.73 12.98
N LEU A 136 14.84 -4.58 11.98
CA LEU A 136 15.63 -5.80 12.10
C LEU A 136 17.05 -5.57 11.60
N SER A 137 18.03 -5.97 12.41
CA SER A 137 19.43 -5.88 12.00
C SER A 137 20.16 -7.20 12.25
N SER A 138 20.61 -7.82 11.18
CA SER A 138 21.40 -9.05 11.25
C SER A 138 22.88 -8.76 11.00
N LEU A 139 23.66 -9.81 10.79
CA LEU A 139 25.06 -9.64 10.43
C LEU A 139 25.17 -8.95 9.08
N GLN A 140 24.40 -9.46 8.11
CA GLN A 140 24.47 -8.96 6.74
C GLN A 140 23.49 -7.82 6.48
N LEU A 141 22.92 -7.27 7.55
CA LEU A 141 22.10 -6.07 7.45
C LEU A 141 22.80 -4.87 8.07
N GLY A 142 22.88 -4.86 9.40
CA GLY A 142 23.58 -3.80 10.10
C GLY A 142 22.81 -2.50 10.18
N GLU A 143 22.65 -1.83 9.04
CA GLU A 143 21.89 -0.57 9.00
C GLU A 143 20.41 -0.83 9.27
N GLY A 144 19.97 -2.07 9.02
CA GLY A 144 18.64 -2.50 9.40
C GLY A 144 17.53 -2.21 8.40
N VAL A 145 16.56 -3.11 8.38
CA VAL A 145 15.36 -2.95 7.56
C VAL A 145 14.16 -2.80 8.49
N GLU A 146 13.26 -1.89 8.13
CA GLU A 146 12.07 -1.66 8.95
C GLU A 146 10.97 -2.66 8.61
N PHE A 147 10.17 -3.02 9.61
CA PHE A 147 9.13 -4.02 9.41
C PHE A 147 7.77 -3.61 9.95
N ASP A 148 6.73 -4.07 9.24
CA ASP A 148 5.38 -4.08 9.78
C ASP A 148 4.87 -5.50 9.66
N VAL A 149 4.66 -6.16 10.79
CA VAL A 149 4.19 -7.54 10.82
C VAL A 149 2.71 -7.61 11.17
N LEU A 150 1.92 -8.12 10.22
CA LEU A 150 0.46 -8.05 10.28
C LEU A 150 -0.18 -9.43 10.41
N PRO A 151 -0.66 -9.77 11.61
CA PRO A 151 -1.43 -11.00 11.78
C PRO A 151 -2.85 -10.82 11.23
N ALA A 152 -3.33 -11.80 10.47
CA ALA A 152 -4.62 -11.66 9.80
C ALA A 152 -5.36 -12.98 9.57
N PHE A 153 -6.67 -12.88 9.35
CA PHE A 153 -7.51 -14.02 9.06
C PHE A 153 -7.60 -14.27 7.56
N ASP A 154 -7.39 -15.52 7.15
CA ASP A 154 -7.38 -15.87 5.74
C ASP A 154 -8.79 -15.94 5.16
N ALA A 155 -9.32 -14.79 4.75
CA ALA A 155 -10.68 -14.70 4.22
C ALA A 155 -10.80 -15.25 2.80
N LEU A 156 -9.70 -15.25 2.06
CA LEU A 156 -9.70 -15.68 0.67
C LEU A 156 -9.25 -17.12 0.50
N GLY A 157 -8.36 -17.58 1.39
CA GLY A 157 -7.77 -18.90 1.27
C GLY A 157 -6.80 -18.97 0.10
N GLN A 158 -6.31 -20.16 -0.18
CA GLN A 158 -5.49 -20.38 -1.37
C GLN A 158 -6.36 -20.16 -2.60
N LEU A 159 -5.81 -19.51 -3.62
CA LEU A 159 -6.61 -19.19 -4.80
C LEU A 159 -5.80 -19.11 -6.09
N THR A 160 -6.39 -19.61 -7.17
CA THR A 160 -5.85 -19.45 -8.51
C THR A 160 -6.35 -18.14 -9.10
N GLY A 161 -5.44 -17.36 -9.69
CA GLY A 161 -5.78 -16.09 -10.30
C GLY A 161 -6.68 -16.25 -11.52
N GLY A 162 -7.00 -15.14 -12.16
CA GLY A 162 -7.87 -15.15 -13.32
C GLY A 162 -9.31 -15.37 -12.91
N TYR A 163 -9.60 -15.21 -11.62
CA TYR A 163 -10.94 -15.39 -11.09
C TYR A 163 -11.16 -14.48 -9.88
N LYS A 164 -12.31 -13.82 -9.86
CA LYS A 164 -12.69 -13.00 -8.72
C LYS A 164 -12.89 -13.87 -7.49
N PRO A 165 -12.60 -13.30 -6.31
CA PRO A 165 -12.95 -13.95 -5.04
C PRO A 165 -14.45 -14.17 -4.95
N ASN A 166 -14.87 -15.11 -4.11
CA ASN A 166 -16.29 -15.37 -3.93
C ASN A 166 -16.98 -14.14 -3.36
N PRO A 167 -18.07 -13.69 -4.01
CA PRO A 167 -18.76 -12.48 -3.56
C PRO A 167 -19.30 -12.62 -2.14
N GLN A 168 -19.53 -13.85 -1.71
CA GLN A 168 -19.99 -14.12 -0.35
C GLN A 168 -18.98 -13.65 0.69
N ILE A 169 -17.70 -13.74 0.34
CA ILE A 169 -16.62 -13.26 1.21
C ILE A 169 -16.77 -11.75 1.42
N TYR A 170 -17.17 -11.04 0.38
CA TYR A 170 -17.42 -9.61 0.47
C TYR A 170 -18.74 -9.28 1.14
N VAL A 171 -19.72 -10.18 1.02
CA VAL A 171 -20.99 -10.01 1.71
C VAL A 171 -20.74 -10.09 3.21
N LYS A 172 -19.92 -11.05 3.62
CA LYS A 172 -19.52 -11.21 5.01
C LYS A 172 -18.81 -9.96 5.51
N LEU A 173 -17.80 -9.53 4.77
CA LEU A 173 -17.00 -8.36 5.11
C LEU A 173 -17.88 -7.14 5.31
N ILE A 174 -18.75 -6.87 4.34
CA ILE A 174 -19.63 -5.71 4.38
C ILE A 174 -20.59 -5.78 5.57
N GLU A 175 -21.19 -6.94 5.78
CA GLU A 175 -22.08 -7.13 6.93
C GLU A 175 -21.33 -6.95 8.24
N GLU A 176 -20.14 -7.53 8.32
CA GLU A 176 -19.33 -7.47 9.53
C GLU A 176 -18.84 -6.04 9.77
N CYS A 177 -18.43 -5.36 8.71
CA CYS A 177 -17.93 -4.00 8.82
C CYS A 177 -19.01 -3.01 9.24
N THR A 178 -20.26 -3.34 8.97
CA THR A 178 -21.38 -2.47 9.31
C THR A 178 -22.09 -2.88 10.60
N ASP A 179 -21.98 -4.16 10.97
CA ASP A 179 -22.42 -4.59 12.30
C ASP A 179 -21.56 -3.87 13.32
N LEU A 180 -20.26 -3.84 13.04
CA LEU A 180 -19.31 -3.01 13.78
C LEU A 180 -19.28 -1.66 13.06
N GLN A 181 -18.36 -0.78 13.45
CA GLN A 181 -18.28 0.52 12.79
C GLN A 181 -16.94 0.70 12.07
N LYS A 182 -16.25 -0.40 11.82
CA LYS A 182 -14.91 -0.35 11.25
C LYS A 182 -14.86 -0.78 9.78
N GLU A 183 -15.30 0.11 8.89
CA GLU A 183 -15.15 -0.13 7.46
C GLU A 183 -13.68 -0.01 7.07
N GLY A 184 -13.26 -0.85 6.13
CA GLY A 184 -11.90 -0.80 5.61
C GLY A 184 -10.81 -1.13 6.61
N GLU A 185 -11.21 -1.62 7.79
CA GLU A 185 -10.27 -1.95 8.83
C GLU A 185 -9.90 -3.43 8.81
N PHE A 186 -10.03 -4.05 7.63
CA PHE A 186 -9.64 -5.44 7.43
C PHE A 186 -9.06 -5.63 6.04
N SER A 187 -8.48 -4.56 5.51
CA SER A 187 -7.88 -4.55 4.19
C SER A 187 -6.73 -5.55 4.10
N THR A 188 -6.16 -5.86 5.26
CA THR A 188 -5.02 -6.76 5.36
C THR A 188 -5.32 -8.15 4.80
N CYS A 189 -6.52 -8.66 5.05
CA CYS A 189 -6.91 -9.99 4.59
C CYS A 189 -6.84 -10.09 3.07
N PHE A 190 -6.95 -8.95 2.39
CA PHE A 190 -6.97 -8.92 0.93
C PHE A 190 -5.70 -8.31 0.35
N THR A 191 -4.57 -8.59 1.00
CA THR A 191 -3.29 -8.01 0.57
C THR A 191 -2.84 -8.57 -0.78
N GLU A 192 -3.18 -9.82 -1.04
CA GLU A 192 -2.80 -10.46 -2.30
C GLU A 192 -3.52 -9.80 -3.47
N LEU A 193 -4.71 -9.27 -3.21
CA LEU A 193 -5.47 -8.58 -4.23
C LEU A 193 -4.98 -7.14 -4.39
N GLN A 194 -4.60 -6.52 -3.28
CA GLN A 194 -3.97 -5.20 -3.32
C GLN A 194 -2.71 -5.25 -4.14
N ARG A 195 -1.93 -6.31 -3.95
CA ARG A 195 -0.66 -6.48 -4.62
C ARG A 195 -0.82 -6.72 -6.12
N ASP A 196 -1.60 -7.73 -6.48
CA ASP A 196 -1.77 -8.13 -7.88
C ASP A 196 -2.53 -7.10 -8.72
N PHE A 197 -2.92 -6.00 -8.10
CA PHE A 197 -3.49 -4.87 -8.82
C PHE A 197 -2.37 -4.03 -9.42
N LEU A 198 -1.20 -4.06 -8.80
CA LEU A 198 -0.06 -3.26 -9.23
C LEU A 198 1.11 -4.10 -9.75
N LYS A 199 1.23 -5.32 -9.24
CA LYS A 199 2.42 -6.16 -9.47
C LYS A 199 2.65 -6.48 -10.94
N GLN A 200 1.59 -6.68 -11.70
CA GLN A 200 1.73 -7.08 -13.11
C GLN A 200 1.63 -5.91 -14.09
N ARG A 201 1.50 -4.69 -13.57
CA ARG A 201 1.41 -3.50 -14.40
C ARG A 201 2.67 -3.33 -15.24
N PRO A 202 2.59 -2.55 -16.33
CA PRO A 202 3.81 -2.23 -17.10
C PRO A 202 4.82 -1.54 -16.20
N THR A 203 6.10 -1.74 -16.50
CA THR A 203 7.19 -1.26 -15.66
C THR A 203 7.15 0.23 -15.34
N LYS A 204 6.94 1.04 -16.37
CA LYS A 204 7.06 2.49 -16.22
C LYS A 204 5.95 3.10 -15.35
N LEU A 205 4.85 2.38 -15.18
CA LEU A 205 3.79 2.83 -14.29
C LEU A 205 4.27 2.78 -12.85
N LYS A 206 4.95 1.69 -12.51
CA LYS A 206 5.53 1.54 -11.18
C LYS A 206 6.58 2.63 -10.95
N SER A 207 7.36 2.94 -11.98
CA SER A 207 8.34 4.01 -11.92
C SER A 207 7.65 5.33 -11.61
N LEU A 208 6.57 5.60 -12.33
CA LEU A 208 5.81 6.82 -12.14
C LEU A 208 5.25 6.89 -10.72
N ILE A 209 4.78 5.75 -10.23
CA ILE A 209 4.27 5.65 -8.87
C ILE A 209 5.36 5.96 -7.84
N ARG A 210 6.56 5.44 -8.09
CA ARG A 210 7.71 5.73 -7.23
C ARG A 210 7.97 7.23 -7.17
N LEU A 211 7.84 7.89 -8.33
CA LEU A 211 8.06 9.33 -8.39
C LEU A 211 6.99 10.08 -7.60
N VAL A 212 5.74 9.66 -7.76
CA VAL A 212 4.63 10.27 -7.04
C VAL A 212 4.78 10.07 -5.53
N LYS A 213 5.22 8.87 -5.15
CA LYS A 213 5.45 8.55 -3.74
C LYS A 213 6.53 9.42 -3.09
N HIS A 214 7.64 9.62 -3.80
CA HIS A 214 8.72 10.47 -3.27
C HIS A 214 8.24 11.92 -3.11
N TRP A 215 7.44 12.38 -4.07
CA TRP A 215 6.83 13.70 -3.98
C TRP A 215 5.93 13.77 -2.76
N TYR A 216 5.24 12.66 -2.48
CA TYR A 216 4.33 12.59 -1.35
C TYR A 216 5.09 12.69 -0.02
N GLN A 217 6.24 12.01 0.06
CA GLN A 217 7.07 12.05 1.26
C GLN A 217 7.55 13.47 1.53
N ASN A 218 7.83 14.20 0.45
CA ASN A 218 8.27 15.59 0.55
C ASN A 218 7.15 16.55 0.96
N CYS A 219 5.92 16.05 0.95
CA CYS A 219 4.80 16.82 1.46
C CYS A 219 4.50 16.43 2.90
N LYS A 220 4.77 15.16 3.22
CA LYS A 220 4.59 14.65 4.57
C LYS A 220 5.58 15.29 5.54
N LYS A 221 6.79 15.53 5.05
CA LYS A 221 7.83 16.18 5.85
C LYS A 221 7.44 17.62 6.16
N LYS A 222 6.58 18.19 5.30
CA LYS A 222 6.25 19.60 5.36
C LYS A 222 4.90 19.84 6.01
N LEU A 223 3.93 19.00 5.69
CA LEU A 223 2.55 19.22 6.11
C LEU A 223 2.13 18.37 7.32
N GLY A 224 2.75 17.21 7.48
CA GLY A 224 2.43 16.32 8.58
C GLY A 224 1.22 15.41 8.32
N LYS A 225 0.04 15.88 8.70
CA LYS A 225 -1.19 15.13 8.48
C LYS A 225 -1.55 15.13 7.00
N LEU A 226 -1.70 13.95 6.42
CA LEU A 226 -2.00 13.84 4.99
C LEU A 226 -2.73 12.55 4.65
N PRO A 227 -3.50 12.56 3.55
CA PRO A 227 -4.16 11.37 3.00
C PRO A 227 -3.18 10.22 2.80
N PRO A 228 -3.67 8.97 2.85
CA PRO A 228 -2.83 7.77 2.72
C PRO A 228 -2.04 7.75 1.42
N GLN A 229 -0.83 7.19 1.46
CA GLN A 229 0.01 7.08 0.29
C GLN A 229 -0.64 6.16 -0.75
N TYR A 230 -1.48 5.25 -0.26
CA TYR A 230 -2.19 4.30 -1.13
C TYR A 230 -3.18 5.03 -2.03
N ALA A 231 -3.77 6.09 -1.51
CA ALA A 231 -4.71 6.90 -2.29
C ALA A 231 -4.01 7.50 -3.50
N LEU A 232 -2.79 7.99 -3.28
CA LEU A 232 -2.01 8.59 -4.34
C LEU A 232 -1.54 7.56 -5.37
N GLU A 233 -1.30 6.33 -4.92
CA GLU A 233 -0.94 5.25 -5.83
C GLU A 233 -2.11 4.92 -6.74
N LEU A 234 -3.31 4.89 -6.17
CA LEU A 234 -4.50 4.57 -6.94
C LEU A 234 -4.83 5.68 -7.93
N LEU A 235 -4.56 6.91 -7.52
CA LEU A 235 -4.75 8.06 -8.41
C LEU A 235 -3.84 7.94 -9.62
N THR A 236 -2.66 7.39 -9.41
CA THR A 236 -1.66 7.23 -10.47
C THR A 236 -2.04 6.13 -11.45
N VAL A 237 -2.64 5.06 -10.93
CA VAL A 237 -3.15 4.00 -11.78
C VAL A 237 -4.34 4.55 -12.56
N TYR A 238 -5.13 5.39 -11.89
CA TYR A 238 -6.29 6.00 -12.52
C TYR A 238 -5.84 6.95 -13.63
N ALA A 239 -4.85 7.78 -13.31
CA ALA A 239 -4.32 8.73 -14.28
C ALA A 239 -3.76 7.99 -15.48
N TRP A 240 -3.07 6.89 -15.23
CA TRP A 240 -2.48 6.12 -16.31
C TRP A 240 -3.53 5.41 -17.17
N GLU A 241 -4.51 4.78 -16.53
CA GLU A 241 -5.53 4.03 -17.26
C GLU A 241 -6.41 4.93 -18.12
N ARG A 242 -6.71 6.12 -17.60
CA ARG A 242 -7.65 7.02 -18.27
C ARG A 242 -7.00 7.95 -19.31
N GLY A 243 -5.74 8.32 -19.09
CA GLY A 243 -5.08 9.29 -19.95
C GLY A 243 -3.98 8.72 -20.84
N SER A 244 -3.52 7.53 -20.48
CA SER A 244 -2.60 6.78 -21.32
C SER A 244 -3.08 5.34 -21.28
N MET A 245 -2.24 4.41 -21.70
CA MET A 245 -2.46 2.97 -21.57
C MET A 245 -1.25 2.32 -22.23
N LYS A 246 -0.30 3.16 -22.64
CA LYS A 246 0.92 2.71 -23.28
C LYS A 246 1.92 2.27 -22.23
N THR A 247 2.77 1.32 -22.59
CA THR A 247 3.87 0.92 -21.73
C THR A 247 4.93 2.02 -21.73
N HIS A 248 4.88 2.84 -22.77
CA HIS A 248 5.84 3.92 -22.96
C HIS A 248 5.12 5.27 -22.98
N PHE A 249 5.41 6.11 -21.99
CA PHE A 249 4.73 7.41 -21.87
C PHE A 249 5.67 8.49 -21.33
N ASN A 250 5.15 9.71 -21.24
CA ASN A 250 5.91 10.84 -20.72
C ASN A 250 5.73 10.99 -19.22
N THR A 251 6.80 10.82 -18.46
CA THR A 251 6.76 10.84 -17.01
C THR A 251 6.31 12.19 -16.47
N ALA A 252 6.80 13.26 -17.10
CA ALA A 252 6.43 14.61 -16.69
C ALA A 252 4.94 14.89 -16.88
N GLN A 253 4.37 14.31 -17.93
CA GLN A 253 2.94 14.47 -18.18
C GLN A 253 2.09 13.73 -17.16
N GLY A 254 2.44 12.48 -16.91
CA GLY A 254 1.74 11.67 -15.94
C GLY A 254 1.87 12.23 -14.53
N PHE A 255 3.04 12.76 -14.22
CA PHE A 255 3.27 13.38 -12.93
C PHE A 255 2.37 14.59 -12.76
N ARG A 256 2.26 15.40 -13.81
CA ARG A 256 1.39 16.59 -13.76
C ARG A 256 -0.08 16.18 -13.70
N THR A 257 -0.42 15.10 -14.39
CA THR A 257 -1.78 14.60 -14.41
C THR A 257 -2.25 14.19 -13.01
N VAL A 258 -1.39 13.48 -12.29
CA VAL A 258 -1.71 13.05 -10.93
C VAL A 258 -1.87 14.25 -10.00
N LEU A 259 -0.99 15.24 -10.14
CA LEU A 259 -1.06 16.44 -9.32
C LEU A 259 -2.39 17.16 -9.52
N GLU A 260 -2.87 17.17 -10.75
CA GLU A 260 -4.13 17.84 -11.08
C GLU A 260 -5.35 17.08 -10.57
N LEU A 261 -5.26 15.75 -10.53
CA LEU A 261 -6.29 14.93 -9.91
C LEU A 261 -6.42 15.31 -8.44
N VAL A 262 -5.28 15.48 -7.79
CA VAL A 262 -5.24 15.90 -6.40
C VAL A 262 -5.90 17.28 -6.25
N ILE A 263 -5.67 18.14 -7.22
CA ILE A 263 -6.31 19.45 -7.24
C ILE A 263 -7.82 19.32 -7.43
N ASN A 264 -8.21 18.38 -8.29
CA ASN A 264 -9.63 18.11 -8.55
C ASN A 264 -10.25 17.17 -7.51
N TYR A 265 -9.70 17.15 -6.30
CA TYR A 265 -10.12 16.18 -5.29
C TYR A 265 -11.60 16.27 -4.93
N GLN A 266 -12.18 17.45 -5.09
CA GLN A 266 -13.59 17.64 -4.75
C GLN A 266 -14.52 17.04 -5.80
N GLN A 267 -13.94 16.41 -6.82
CA GLN A 267 -14.72 15.83 -7.92
C GLN A 267 -14.42 14.35 -8.12
N LEU A 268 -13.45 13.82 -7.39
CA LEU A 268 -12.98 12.47 -7.63
C LEU A 268 -13.95 11.38 -7.15
N CYS A 269 -14.34 10.52 -8.08
CA CYS A 269 -15.09 9.30 -7.77
C CYS A 269 -14.47 8.16 -8.54
N ILE A 270 -13.63 7.38 -7.87
CA ILE A 270 -12.78 6.41 -8.53
C ILE A 270 -12.96 5.00 -7.95
N TYR A 271 -13.16 4.02 -8.83
CA TYR A 271 -13.31 2.64 -8.40
C TYR A 271 -12.98 1.67 -9.53
N TRP A 272 -12.65 0.44 -9.17
CA TRP A 272 -12.37 -0.62 -10.15
C TRP A 272 -13.24 -1.83 -9.84
N THR A 273 -13.60 -2.58 -10.86
CA THR A 273 -14.39 -3.79 -10.67
C THR A 273 -13.59 -5.04 -10.95
N LYS A 274 -12.32 -5.04 -10.54
CA LYS A 274 -11.45 -6.18 -10.80
C LYS A 274 -11.72 -7.36 -9.87
N TYR A 275 -11.99 -7.06 -8.60
CA TYR A 275 -12.16 -8.11 -7.61
C TYR A 275 -13.59 -8.19 -7.05
N TYR A 276 -14.39 -7.17 -7.34
CA TYR A 276 -15.80 -7.19 -6.98
C TYR A 276 -16.61 -6.42 -8.02
N ASP A 277 -17.90 -6.72 -8.10
CA ASP A 277 -18.77 -6.03 -9.05
C ASP A 277 -20.21 -5.96 -8.54
N PHE A 278 -21.12 -5.49 -9.39
CA PHE A 278 -22.49 -5.21 -8.96
C PHE A 278 -23.45 -6.37 -9.20
N LYS A 279 -22.93 -7.54 -9.57
CA LYS A 279 -23.80 -8.68 -9.85
C LYS A 279 -24.54 -9.18 -8.61
N ASN A 280 -23.83 -9.25 -7.49
CA ASN A 280 -24.46 -9.60 -6.22
C ASN A 280 -25.23 -8.41 -5.66
N PRO A 281 -26.51 -8.63 -5.31
CA PRO A 281 -27.41 -7.54 -4.90
C PRO A 281 -26.94 -6.81 -3.65
N ILE A 282 -26.34 -7.53 -2.71
CA ILE A 282 -25.89 -6.94 -1.46
C ILE A 282 -24.67 -6.05 -1.68
N ILE A 283 -23.76 -6.51 -2.51
CA ILE A 283 -22.58 -5.73 -2.88
C ILE A 283 -22.99 -4.54 -3.73
N GLU A 284 -23.87 -4.78 -4.68
CA GLU A 284 -24.36 -3.75 -5.60
C GLU A 284 -24.95 -2.57 -4.82
N LYS A 285 -25.77 -2.89 -3.82
CA LYS A 285 -26.37 -1.86 -2.98
C LYS A 285 -25.32 -1.11 -2.15
N TYR A 286 -24.33 -1.83 -1.65
CA TYR A 286 -23.30 -1.20 -0.81
C TYR A 286 -22.40 -0.31 -1.64
N LEU A 287 -21.94 -0.82 -2.78
CA LEU A 287 -21.07 -0.07 -3.68
C LEU A 287 -21.73 1.23 -4.14
N ARG A 288 -23.01 1.15 -4.45
CA ARG A 288 -23.76 2.31 -4.92
C ARG A 288 -23.88 3.39 -3.84
N ARG A 289 -23.99 2.97 -2.59
CA ARG A 289 -23.97 3.92 -1.48
C ARG A 289 -22.58 4.55 -1.35
N GLN A 290 -21.56 3.76 -1.65
CA GLN A 290 -20.18 4.21 -1.54
C GLN A 290 -19.83 5.29 -2.56
N LEU A 291 -20.37 5.16 -3.77
CA LEU A 291 -20.09 6.12 -4.83
C LEU A 291 -20.87 7.41 -4.60
N THR A 292 -21.78 7.37 -3.63
CA THR A 292 -22.62 8.49 -3.27
C THR A 292 -21.93 9.41 -2.26
N LYS A 293 -21.04 8.82 -1.46
CA LYS A 293 -20.32 9.52 -0.39
C LYS A 293 -19.64 10.80 -0.89
N PRO A 294 -19.43 11.76 0.01
CA PRO A 294 -18.76 13.03 -0.33
C PRO A 294 -17.39 12.83 -0.96
N ARG A 295 -16.99 13.78 -1.81
CA ARG A 295 -15.74 13.69 -2.56
C ARG A 295 -14.53 14.07 -1.71
N PRO A 296 -13.36 13.48 -2.01
CA PRO A 296 -13.15 12.43 -3.02
C PRO A 296 -13.55 11.05 -2.52
N VAL A 297 -13.74 10.13 -3.46
CA VAL A 297 -14.05 8.75 -3.14
C VAL A 297 -13.11 7.85 -3.90
N ILE A 298 -12.24 7.15 -3.17
CA ILE A 298 -11.26 6.26 -3.79
C ILE A 298 -11.37 4.88 -3.15
N LEU A 299 -12.10 3.99 -3.82
CA LEU A 299 -12.33 2.65 -3.29
C LEU A 299 -11.12 1.75 -3.48
N ASP A 300 -10.78 1.02 -2.43
CA ASP A 300 -9.72 0.02 -2.49
C ASP A 300 -10.18 -1.11 -3.41
N PRO A 301 -9.43 -1.37 -4.48
CA PRO A 301 -9.78 -2.41 -5.45
C PRO A 301 -9.92 -3.79 -4.80
N ALA A 302 -9.27 -3.97 -3.66
CA ALA A 302 -9.30 -5.24 -2.95
C ALA A 302 -10.35 -5.24 -1.82
N ASP A 303 -10.90 -4.08 -1.53
CA ASP A 303 -11.80 -3.93 -0.40
C ASP A 303 -12.80 -2.82 -0.67
N PRO A 304 -14.06 -3.20 -0.93
CA PRO A 304 -15.12 -2.24 -1.25
C PRO A 304 -15.44 -1.31 -0.08
N THR A 305 -15.13 -1.75 1.14
CA THR A 305 -15.41 -0.95 2.33
C THR A 305 -14.31 0.08 2.55
N GLY A 306 -13.17 -0.12 1.89
CA GLY A 306 -12.02 0.75 2.07
C GLY A 306 -12.09 2.01 1.24
N ASN A 307 -12.60 3.09 1.82
CA ASN A 307 -12.61 4.38 1.15
C ASN A 307 -11.41 5.23 1.52
N LEU A 308 -10.42 5.25 0.65
CA LEU A 308 -9.25 6.10 0.83
C LEU A 308 -9.62 7.53 0.44
N GLY A 309 -9.04 8.50 1.13
CA GLY A 309 -9.39 9.89 0.90
C GLY A 309 -10.76 10.24 1.46
N GLY A 310 -11.26 9.40 2.37
CA GLY A 310 -12.53 9.67 3.04
C GLY A 310 -12.36 10.31 4.40
N GLY A 311 -11.15 10.21 4.96
CA GLY A 311 -10.91 10.66 6.32
C GLY A 311 -10.74 12.16 6.51
N ASP A 312 -9.85 12.76 5.71
CA ASP A 312 -9.43 14.13 5.97
C ASP A 312 -9.76 15.10 4.84
N PRO A 313 -10.83 15.89 5.01
CA PRO A 313 -11.10 17.00 4.09
C PRO A 313 -9.99 18.04 4.15
N LYS A 314 -9.43 18.24 5.34
CA LYS A 314 -8.34 19.20 5.52
C LYS A 314 -7.05 18.68 4.92
N GLY A 315 -6.87 17.36 4.97
CA GLY A 315 -5.67 16.73 4.43
C GLY A 315 -5.55 16.91 2.92
N TRP A 316 -6.69 16.85 2.23
CA TRP A 316 -6.72 17.07 0.79
C TRP A 316 -6.66 18.55 0.47
N ARG A 317 -7.20 19.37 1.37
CA ARG A 317 -7.16 20.82 1.21
C ARG A 317 -5.72 21.30 1.16
N GLN A 318 -4.87 20.70 2.00
CA GLN A 318 -3.46 21.06 2.07
C GLN A 318 -2.66 20.42 0.94
N LEU A 319 -2.93 19.15 0.66
CA LEU A 319 -2.20 18.45 -0.38
C LEU A 319 -2.43 19.07 -1.74
N ALA A 320 -3.63 19.61 -1.95
CA ALA A 320 -3.99 20.28 -3.20
C ALA A 320 -3.32 21.64 -3.31
N GLN A 321 -3.06 22.28 -2.17
CA GLN A 321 -2.43 23.59 -2.16
C GLN A 321 -0.94 23.51 -2.46
N GLU A 322 -0.34 22.36 -2.13
CA GLU A 322 1.05 22.11 -2.45
C GLU A 322 1.19 21.69 -3.91
N ALA A 323 0.27 20.84 -4.36
CA ALA A 323 0.27 20.36 -5.74
C ALA A 323 0.06 21.53 -6.71
N GLU A 324 -0.76 22.50 -6.30
CA GLU A 324 -1.01 23.68 -7.10
C GLU A 324 0.28 24.50 -7.22
N ALA A 325 1.01 24.59 -6.12
CA ALA A 325 2.26 25.34 -6.07
C ALA A 325 3.33 24.67 -6.93
N TRP A 326 3.32 23.34 -6.94
CA TRP A 326 4.32 22.57 -7.68
C TRP A 326 4.25 22.78 -9.20
N LEU A 327 3.07 23.14 -9.71
CA LEU A 327 2.87 23.29 -11.15
C LEU A 327 3.74 24.39 -11.77
N ASN A 328 4.26 25.27 -10.93
CA ASN A 328 5.14 26.33 -11.39
C ASN A 328 6.62 25.95 -11.35
N TYR A 329 6.92 24.80 -10.77
CA TYR A 329 8.31 24.36 -10.60
C TYR A 329 8.92 23.85 -11.90
N PRO A 330 10.25 23.95 -12.03
CA PRO A 330 10.98 23.55 -13.24
C PRO A 330 10.70 22.13 -13.74
N CYS A 331 10.19 21.26 -12.87
CA CYS A 331 9.92 19.87 -13.26
C CYS A 331 8.67 19.71 -14.12
N PHE A 332 7.92 20.79 -14.29
CA PHE A 332 6.77 20.80 -15.18
C PHE A 332 6.96 21.80 -16.30
N LYS A 333 8.21 22.05 -16.66
CA LYS A 333 8.55 22.95 -17.75
C LYS A 333 9.58 22.33 -18.67
N ASN A 334 9.36 22.44 -19.97
CA ASN A 334 10.29 21.90 -20.97
C ASN A 334 11.52 22.78 -21.12
N TRP A 335 12.33 22.51 -22.14
CA TRP A 335 13.51 23.32 -22.43
C TRP A 335 13.10 24.75 -22.73
N ASP A 336 12.17 24.89 -23.68
CA ASP A 336 11.70 26.20 -24.13
C ASP A 336 10.88 26.95 -23.08
N GLY A 337 10.70 26.34 -21.91
CA GLY A 337 9.98 26.98 -20.82
C GLY A 337 8.49 26.80 -20.88
N SER A 338 7.99 26.20 -21.97
CA SER A 338 6.57 25.90 -22.11
C SER A 338 6.16 24.81 -21.12
N PRO A 339 4.91 24.87 -20.64
CA PRO A 339 4.43 23.89 -19.66
C PRO A 339 4.32 22.49 -20.25
N VAL A 340 4.57 21.46 -19.45
CA VAL A 340 4.30 20.10 -19.88
C VAL A 340 2.79 19.90 -19.86
N SER A 341 2.28 19.10 -20.79
CA SER A 341 0.85 18.83 -20.85
C SER A 341 0.49 17.76 -19.82
N SER A 342 -0.77 17.72 -19.45
CA SER A 342 -1.29 16.60 -18.68
C SER A 342 -2.26 15.84 -19.57
N TRP A 343 -2.35 14.53 -19.35
CA TRP A 343 -3.24 13.69 -20.14
C TRP A 343 -4.69 14.12 -19.94
N ILE A 344 -5.48 14.06 -21.00
CA ILE A 344 -6.91 14.28 -20.84
C ILE A 344 -7.58 12.92 -20.58
N LEU A 345 -8.19 12.79 -19.41
CA LEU A 345 -8.60 11.49 -18.90
C LEU A 345 -9.92 10.99 -19.47
N LEU A 346 -9.86 9.87 -20.19
CA LEU A 346 -11.02 9.21 -20.78
C LEU A 346 -11.97 10.16 -21.51
#